data_3VI2
#
_entry.id   3VI2
#
_cell.length_a   201.970
_cell.length_b   201.970
_cell.length_c   44.280
_cell.angle_alpha   90.00
_cell.angle_beta   90.00
_cell.angle_gamma   120.00
#
_symmetry.space_group_name_H-M   'H 3'
#
loop_
_entity.id
_entity.type
_entity.pdbx_description
1 polymer "Orotidine 5'-phosphate decarboxylase"
2 non-polymer '4-(2-hydroxy-4-methoxyphenyl)-4-oxobutanoic acid'
3 non-polymer 'SODIUM ION'
4 water water
#
_entity_poly.entity_id   1
_entity_poly.type   'polypeptide(L)'
_entity_poly.pdbx_seq_one_letter_code
;MGFKVKLEKRRNAINTCLCIGLDPDEKDIENFMKNEKENNYNNIKKNLKEKYINNVSIKKDILLKAPDNIIREEKSEEFF
YFFNHFCFYIINETNKYALTFKMNFAFYIPYGSVGIDVLKNVFDYLYELNIPTILDMKINDIGNTVKNYRKFIFEYLKSD
SCTVNIYMGTNMLKDICYDEEKNKYYSAFVLVKTTNPDSAIFQKNLSLDNKQAYVIMAQEALNMSSYLNLEQNNEFIGFV
VGANSYDEMNYIRTYFPNCYILSPGIGAQNGDLHKTLTNGYHKSYEKILINIGRAITKNPYPQKAAQMYYDQINAILKQN
MES
;
_entity_poly.pdbx_strand_id   A,B
#
# COMPACT_ATOMS: atom_id res chain seq x y z
N MET A 1 -17.32 7.97 -20.53
CA MET A 1 -18.02 8.14 -19.21
C MET A 1 -17.28 9.05 -18.18
N GLY A 2 -16.63 8.44 -17.21
CA GLY A 2 -16.12 9.26 -16.10
C GLY A 2 -16.93 8.98 -14.86
N PHE A 3 -16.28 9.04 -13.70
CA PHE A 3 -16.85 8.53 -12.49
C PHE A 3 -18.12 9.22 -12.01
N LYS A 4 -18.19 10.55 -12.20
CA LYS A 4 -19.36 11.29 -11.73
C LYS A 4 -20.57 10.74 -12.40
N VAL A 5 -20.46 10.60 -13.73
CA VAL A 5 -21.59 10.16 -14.52
C VAL A 5 -21.98 8.74 -14.15
N LYS A 6 -20.99 7.84 -13.96
CA LYS A 6 -21.32 6.47 -13.48
C LYS A 6 -22.06 6.51 -12.16
N LEU A 7 -21.58 7.34 -11.23
CA LEU A 7 -22.25 7.58 -9.93
C LEU A 7 -23.72 8.04 -10.07
N GLU A 8 -23.96 9.12 -10.83
CA GLU A 8 -25.33 9.58 -11.10
C GLU A 8 -26.26 8.44 -11.58
N LYS A 9 -25.87 7.82 -12.68
CA LYS A 9 -26.69 6.75 -13.31
C LYS A 9 -27.11 5.65 -12.33
N ARG A 10 -26.13 5.00 -11.71
CA ARG A 10 -26.50 4.02 -10.71
C ARG A 10 -27.40 4.62 -9.59
N ARG A 11 -27.12 5.86 -9.15
CA ARG A 11 -27.89 6.47 -8.07
C ARG A 11 -29.41 6.60 -8.40
N ASN A 12 -29.74 6.88 -9.67
CA ASN A 12 -31.15 6.85 -10.10
C ASN A 12 -31.66 5.45 -10.20
N ALA A 13 -30.86 4.55 -10.76
CA ALA A 13 -31.31 3.20 -10.94
C ALA A 13 -31.65 2.55 -9.60
N ILE A 14 -30.92 2.86 -8.54
CA ILE A 14 -31.19 2.13 -7.31
C ILE A 14 -31.58 2.90 -6.05
N ASN A 15 -31.54 4.22 -6.10
CA ASN A 15 -32.06 5.06 -5.00
C ASN A 15 -31.30 4.92 -3.67
N THR A 16 -29.98 4.77 -3.72
CA THR A 16 -29.25 4.78 -2.44
C THR A 16 -27.89 5.42 -2.52
N CYS A 17 -27.29 5.59 -1.35
CA CYS A 17 -25.87 5.88 -1.23
C CYS A 17 -25.12 4.86 -0.34
N LEU A 18 -25.68 3.66 -0.19
CA LEU A 18 -25.00 2.59 0.52
C LEU A 18 -23.76 2.13 -0.26
N CYS A 19 -22.60 2.19 0.42
CA CYS A 19 -21.36 1.60 -0.08
C CYS A 19 -21.03 0.39 0.77
N ILE A 20 -20.92 -0.75 0.10
CA ILE A 20 -20.64 -2.04 0.73
C ILE A 20 -19.13 -2.35 0.72
N GLY A 21 -18.63 -2.71 1.90
CA GLY A 21 -17.21 -2.92 2.11
C GLY A 21 -16.95 -4.41 1.92
N LEU A 22 -15.95 -4.74 1.12
CA LEU A 22 -15.68 -6.13 0.92
C LEU A 22 -14.26 -6.41 1.43
N ASP A 23 -14.17 -6.79 2.70
CA ASP A 23 -12.89 -6.96 3.41
C ASP A 23 -12.81 -8.32 4.02
N PRO A 24 -12.41 -9.29 3.24
CA PRO A 24 -12.53 -10.64 3.83
C PRO A 24 -11.29 -11.03 4.59
N ASP A 25 -11.47 -11.40 5.86
CA ASP A 25 -10.31 -11.84 6.67
C ASP A 25 -10.22 -13.36 6.61
N GLU A 26 -9.32 -13.92 7.39
CA GLU A 26 -9.07 -15.35 7.38
C GLU A 26 -10.20 -16.18 7.96
N LYS A 27 -10.80 -15.71 9.06
CA LYS A 27 -11.95 -16.37 9.70
C LYS A 27 -13.15 -16.47 8.71
N ASP A 28 -13.34 -15.42 7.91
CA ASP A 28 -14.37 -15.38 6.85
C ASP A 28 -14.22 -16.48 5.79
N ILE A 29 -12.99 -16.71 5.34
CA ILE A 29 -12.72 -17.67 4.26
C ILE A 29 -12.83 -19.11 4.77
N GLU A 30 -12.25 -19.36 5.93
CA GLU A 30 -12.36 -20.67 6.57
C GLU A 30 -13.82 -21.00 6.92
N ASN A 31 -14.52 -20.02 7.46
CA ASN A 31 -15.95 -20.25 7.81
C ASN A 31 -16.81 -20.45 6.59
N PHE A 32 -16.48 -19.76 5.50
CA PHE A 32 -17.27 -19.86 4.28
C PHE A 32 -17.10 -21.28 3.77
N MET A 33 -15.83 -21.72 3.73
CA MET A 33 -15.50 -23.05 3.28
C MET A 33 -16.14 -24.19 4.13
N LYS A 34 -16.17 -24.03 5.45
CA LYS A 34 -16.77 -25.10 6.27
C LYS A 34 -18.27 -25.20 6.08
N ASN A 35 -18.94 -24.07 5.96
CA ASN A 35 -20.39 -24.08 5.84
C ASN A 35 -20.82 -24.72 4.54
N GLU A 36 -20.05 -24.42 3.50
CA GLU A 36 -20.24 -24.94 2.16
C GLU A 36 -19.86 -26.43 2.12
N LYS A 37 -18.67 -26.77 2.65
CA LYS A 37 -18.28 -28.19 2.92
C LYS A 37 -19.26 -28.89 3.88
N GLU A 38 -20.41 -28.27 4.11
CA GLU A 38 -21.42 -28.79 5.04
C GLU A 38 -22.77 -28.74 4.40
N ASN A 39 -23.10 -27.58 3.85
CA ASN A 39 -24.39 -27.30 3.26
C ASN A 39 -24.38 -27.61 1.78
N ASN A 40 -23.41 -28.45 1.40
CA ASN A 40 -23.33 -29.01 0.07
C ASN A 40 -23.04 -27.99 -1.04
N TYR A 41 -22.18 -27.04 -0.73
CA TYR A 41 -21.71 -26.03 -1.71
C TYR A 41 -22.88 -25.24 -2.31
N ASN A 42 -23.90 -25.00 -1.48
CA ASN A 42 -25.07 -24.21 -1.82
C ASN A 42 -24.80 -22.85 -2.50
N ASN A 43 -24.03 -22.00 -1.85
CA ASN A 43 -23.76 -20.68 -2.41
C ASN A 43 -22.79 -20.68 -3.63
N ILE A 44 -21.85 -21.63 -3.64
CA ILE A 44 -20.90 -21.76 -4.74
C ILE A 44 -21.63 -22.21 -6.01
N LYS A 45 -22.60 -23.11 -5.83
CA LYS A 45 -23.39 -23.59 -6.95
C LYS A 45 -24.15 -22.46 -7.60
N LYS A 46 -24.52 -21.48 -6.78
CA LYS A 46 -25.17 -20.27 -7.20
C LYS A 46 -24.21 -19.34 -7.89
N ASN A 47 -22.95 -19.30 -7.46
CA ASN A 47 -22.02 -18.41 -8.14
C ASN A 47 -21.85 -18.90 -9.55
N LEU A 48 -21.79 -20.24 -9.69
CA LEU A 48 -21.50 -20.92 -10.95
C LEU A 48 -22.54 -20.69 -12.03
N LYS A 49 -23.73 -20.28 -11.61
CA LYS A 49 -24.85 -19.93 -12.50
C LYS A 49 -24.84 -18.47 -12.96
N GLU A 50 -24.09 -17.61 -12.27
CA GLU A 50 -24.01 -16.16 -12.58
C GLU A 50 -23.30 -15.83 -13.89
N LYS A 51 -23.86 -14.90 -14.65
CA LYS A 51 -23.40 -14.56 -16.00
C LYS A 51 -21.90 -14.28 -16.06
N TYR A 52 -21.40 -13.50 -15.11
CA TYR A 52 -20.08 -12.91 -15.30
C TYR A 52 -18.86 -13.69 -14.82
N ILE A 53 -19.09 -14.72 -14.02
CA ILE A 53 -17.99 -15.57 -13.60
C ILE A 53 -17.35 -16.31 -14.81
N ASN A 54 -17.97 -16.23 -15.98
CA ASN A 54 -17.45 -16.90 -17.18
C ASN A 54 -16.49 -15.94 -17.84
N ASN A 55 -16.44 -14.75 -17.30
CA ASN A 55 -15.58 -13.70 -17.83
C ASN A 55 -14.35 -13.45 -16.99
N VAL A 56 -14.16 -14.20 -15.90
CA VAL A 56 -13.07 -13.79 -15.04
C VAL A 56 -11.78 -14.25 -15.69
N SER A 57 -10.70 -13.53 -15.45
CA SER A 57 -9.47 -13.77 -16.22
C SER A 57 -8.44 -14.64 -15.52
N ILE A 58 -8.45 -14.68 -14.19
CA ILE A 58 -7.49 -15.55 -13.49
C ILE A 58 -8.13 -16.84 -12.94
N LYS A 59 -7.62 -17.96 -13.43
CA LYS A 59 -8.02 -19.33 -13.01
C LYS A 59 -9.50 -19.69 -13.12
N LYS A 60 -10.17 -19.12 -14.13
CA LYS A 60 -11.48 -19.57 -14.60
C LYS A 60 -11.63 -21.07 -14.42
N ASP A 61 -10.68 -21.84 -14.98
CA ASP A 61 -10.77 -23.28 -14.93
C ASP A 61 -10.93 -23.82 -13.51
N ILE A 62 -10.14 -23.27 -12.59
CA ILE A 62 -10.22 -23.71 -11.20
C ILE A 62 -11.50 -23.25 -10.56
N LEU A 63 -11.85 -21.99 -10.84
CA LEU A 63 -12.89 -21.33 -10.16
C LEU A 63 -14.22 -21.95 -10.60
N LEU A 64 -14.24 -22.42 -11.84
CA LEU A 64 -15.46 -23.02 -12.37
C LEU A 64 -15.56 -24.52 -12.13
N LYS A 65 -14.52 -25.08 -11.51
CA LYS A 65 -14.37 -26.52 -11.30
C LYS A 65 -15.55 -27.05 -10.47
N ALA A 66 -16.05 -28.22 -10.88
CA ALA A 66 -17.20 -28.90 -10.27
C ALA A 66 -17.47 -28.50 -8.83
N PRO A 67 -18.70 -27.97 -8.58
CA PRO A 67 -19.22 -27.42 -7.33
C PRO A 67 -18.47 -27.86 -6.08
N ASP A 68 -18.36 -29.19 -5.91
CA ASP A 68 -17.66 -29.81 -4.79
C ASP A 68 -16.14 -29.56 -4.84
N ASN A 69 -15.40 -30.50 -4.29
CA ASN A 69 -13.97 -30.62 -4.51
C ASN A 69 -13.79 -31.98 -5.19
N ILE A 70 -14.69 -32.90 -4.84
CA ILE A 70 -14.59 -34.34 -5.15
C ILE A 70 -13.20 -34.87 -4.73
N ILE A 71 -12.56 -34.11 -3.84
CA ILE A 71 -11.26 -34.43 -3.22
C ILE A 71 -10.23 -34.83 -4.30
N ARG A 72 -10.06 -33.96 -5.31
CA ARG A 72 -9.28 -34.27 -6.52
C ARG A 72 -8.19 -33.22 -6.80
N GLU A 73 -7.09 -33.67 -7.41
CA GLU A 73 -5.92 -32.84 -7.72
C GLU A 73 -5.65 -31.72 -6.70
N GLU A 74 -6.25 -30.55 -6.96
CA GLU A 74 -6.02 -29.32 -6.19
C GLU A 74 -6.23 -29.51 -4.68
N LYS A 75 -5.17 -29.22 -3.93
CA LYS A 75 -5.29 -28.83 -2.53
C LYS A 75 -4.48 -27.56 -2.52
N SER A 76 -3.59 -27.48 -3.50
CA SER A 76 -2.85 -26.28 -3.76
C SER A 76 -3.81 -25.11 -3.96
N GLU A 77 -4.97 -25.33 -4.60
CA GLU A 77 -5.82 -24.20 -4.98
C GLU A 77 -7.08 -23.95 -4.13
N GLU A 78 -7.21 -24.76 -3.07
CA GLU A 78 -8.38 -24.69 -2.21
C GLU A 78 -8.59 -23.30 -1.59
N PHE A 79 -7.52 -22.71 -1.05
CA PHE A 79 -7.64 -21.38 -0.44
C PHE A 79 -8.03 -20.28 -1.47
N PHE A 80 -7.38 -20.29 -2.63
CA PHE A 80 -7.79 -19.45 -3.72
C PHE A 80 -9.30 -19.67 -4.01
N TYR A 81 -9.72 -20.93 -4.12
CA TYR A 81 -11.08 -21.28 -4.55
C TYR A 81 -12.15 -20.64 -3.65
N PHE A 82 -11.96 -20.84 -2.33
CA PHE A 82 -12.91 -20.42 -1.30
C PHE A 82 -12.83 -18.92 -0.95
N PHE A 83 -11.64 -18.33 -1.03
CA PHE A 83 -11.48 -16.87 -0.98
C PHE A 83 -12.29 -16.15 -2.11
N ASN A 84 -12.04 -16.56 -3.37
CA ASN A 84 -12.68 -15.94 -4.51
C ASN A 84 -14.17 -16.23 -4.54
N HIS A 85 -14.54 -17.47 -4.21
CA HIS A 85 -15.93 -17.77 -4.05
C HIS A 85 -16.59 -17.07 -2.88
N PHE A 86 -15.89 -16.81 -1.79
CA PHE A 86 -16.56 -16.02 -0.77
C PHE A 86 -16.89 -14.60 -1.33
N CYS A 87 -15.98 -14.02 -2.11
CA CYS A 87 -16.18 -12.63 -2.55
C CYS A 87 -17.28 -12.51 -3.57
N PHE A 88 -17.34 -13.45 -4.48
CA PHE A 88 -18.38 -13.53 -5.45
C PHE A 88 -19.75 -13.69 -4.81
N TYR A 89 -19.82 -14.45 -3.72
CA TYR A 89 -21.07 -14.72 -2.95
C TYR A 89 -21.60 -13.48 -2.27
N ILE A 90 -20.72 -12.79 -1.56
CA ILE A 90 -21.09 -11.51 -1.03
C ILE A 90 -21.65 -10.53 -2.12
N ILE A 91 -20.91 -10.41 -3.23
CA ILE A 91 -21.32 -9.48 -4.28
C ILE A 91 -22.63 -9.95 -4.77
N ASN A 92 -22.72 -11.24 -5.11
CA ASN A 92 -23.99 -11.77 -5.67
C ASN A 92 -25.17 -11.56 -4.75
N GLU A 93 -24.99 -11.90 -3.47
CA GLU A 93 -26.02 -11.67 -2.47
C GLU A 93 -26.36 -10.20 -2.22
N THR A 94 -25.40 -9.27 -2.36
CA THR A 94 -25.62 -7.88 -1.91
C THR A 94 -25.72 -6.78 -2.98
N ASN A 95 -25.41 -7.12 -4.22
CA ASN A 95 -25.10 -6.05 -5.19
C ASN A 95 -26.24 -5.09 -5.57
N LYS A 96 -27.49 -5.56 -5.60
CA LYS A 96 -28.64 -4.71 -5.94
C LYS A 96 -28.86 -3.60 -4.96
N TYR A 97 -28.22 -3.70 -3.79
CA TYR A 97 -28.41 -2.69 -2.79
C TYR A 97 -27.24 -1.72 -2.71
N ALA A 98 -26.19 -1.95 -3.50
CA ALA A 98 -24.99 -1.12 -3.32
C ALA A 98 -24.85 -0.07 -4.41
N LEU A 99 -24.76 1.18 -3.99
CA LEU A 99 -24.27 2.24 -4.86
C LEU A 99 -22.82 1.98 -5.31
N THR A 100 -21.91 1.63 -4.37
CA THR A 100 -20.50 1.29 -4.68
C THR A 100 -20.05 0.09 -3.81
N PHE A 101 -19.06 -0.64 -4.29
CA PHE A 101 -18.28 -1.51 -3.43
C PHE A 101 -16.94 -0.81 -3.24
N LYS A 102 -16.45 -0.83 -1.96
CA LYS A 102 -15.12 -0.48 -1.57
C LYS A 102 -14.36 -1.77 -1.13
N MET A 103 -13.23 -2.01 -1.74
CA MET A 103 -12.40 -3.13 -1.28
C MET A 103 -11.16 -2.61 -0.57
N ASN A 104 -10.82 -3.15 0.63
CA ASN A 104 -9.59 -2.70 1.24
C ASN A 104 -8.41 -3.59 0.87
N PHE A 105 -7.51 -3.00 0.10
CA PHE A 105 -6.31 -3.70 -0.39
C PHE A 105 -5.68 -4.58 0.70
N ALA A 106 -5.65 -4.09 1.96
CA ALA A 106 -4.93 -4.77 3.06
C ALA A 106 -5.36 -6.22 3.23
N PHE A 107 -6.63 -6.49 2.95
CA PHE A 107 -7.17 -7.80 3.20
C PHE A 107 -6.83 -8.79 2.10
N TYR A 108 -6.31 -8.28 0.99
CA TYR A 108 -6.04 -9.08 -0.19
C TYR A 108 -4.52 -9.33 -0.42
N ILE A 109 -3.67 -8.78 0.41
CA ILE A 109 -2.21 -8.92 0.22
C ILE A 109 -1.47 -9.94 1.17
N PRO A 110 -2.03 -10.28 2.37
CA PRO A 110 -1.14 -10.89 3.38
C PRO A 110 -0.79 -12.38 3.16
N TYR A 111 -1.22 -12.95 2.02
CA TYR A 111 -1.02 -14.33 1.57
C TYR A 111 -0.14 -14.37 0.32
N GLY A 112 0.42 -13.20 -0.03
CA GLY A 112 1.19 -13.00 -1.24
C GLY A 112 0.31 -12.85 -2.46
N SER A 113 0.75 -13.37 -3.60
CA SER A 113 0.07 -13.08 -4.85
C SER A 113 -1.35 -13.68 -4.97
N VAL A 114 -1.61 -14.78 -4.26
CA VAL A 114 -2.90 -15.47 -4.35
C VAL A 114 -4.09 -14.56 -4.14
N GLY A 115 -4.04 -13.71 -3.13
CA GLY A 115 -5.12 -12.75 -2.91
C GLY A 115 -5.11 -11.55 -3.87
N ILE A 116 -3.98 -11.27 -4.52
CA ILE A 116 -4.02 -10.25 -5.58
C ILE A 116 -4.75 -10.82 -6.80
N ASP A 117 -4.58 -12.11 -7.08
CA ASP A 117 -5.44 -12.76 -8.08
C ASP A 117 -6.92 -12.63 -7.74
N VAL A 118 -7.29 -12.86 -6.47
CA VAL A 118 -8.66 -12.77 -6.00
C VAL A 118 -9.18 -11.35 -6.24
N LEU A 119 -8.42 -10.37 -5.74
CA LEU A 119 -8.79 -8.96 -5.83
C LEU A 119 -8.97 -8.55 -7.32
N LYS A 120 -8.06 -9.02 -8.16
CA LYS A 120 -8.17 -8.75 -9.59
C LYS A 120 -9.50 -9.31 -10.11
N ASN A 121 -9.83 -10.53 -9.70
CA ASN A 121 -11.00 -11.18 -10.19
C ASN A 121 -12.20 -10.45 -9.66
N VAL A 122 -12.09 -9.95 -8.44
CA VAL A 122 -13.17 -9.24 -7.84
C VAL A 122 -13.43 -7.94 -8.61
N PHE A 123 -12.37 -7.17 -8.91
CA PHE A 123 -12.56 -5.93 -9.77
C PHE A 123 -13.03 -6.23 -11.18
N ASP A 124 -12.53 -7.30 -11.78
CA ASP A 124 -13.08 -7.72 -13.06
C ASP A 124 -14.54 -8.03 -12.95
N TYR A 125 -14.97 -8.69 -11.85
CA TYR A 125 -16.35 -9.12 -11.77
C TYR A 125 -17.23 -7.85 -11.57
N LEU A 126 -16.75 -6.95 -10.72
CA LEU A 126 -17.43 -5.68 -10.53
C LEU A 126 -17.53 -4.75 -11.82
N TYR A 127 -16.40 -4.62 -12.53
CA TYR A 127 -16.32 -4.00 -13.83
C TYR A 127 -17.40 -4.54 -14.78
N GLU A 128 -17.56 -5.87 -14.85
CA GLU A 128 -18.52 -6.53 -15.77
C GLU A 128 -19.94 -6.26 -15.33
N LEU A 129 -20.16 -6.26 -14.00
CA LEU A 129 -21.43 -5.82 -13.41
C LEU A 129 -21.67 -4.31 -13.57
N ASN A 130 -20.69 -3.58 -14.08
CA ASN A 130 -20.76 -2.09 -14.15
C ASN A 130 -21.10 -1.54 -12.80
N ILE A 131 -20.45 -2.05 -11.75
CA ILE A 131 -20.75 -1.48 -10.43
C ILE A 131 -19.62 -0.62 -9.98
N PRO A 132 -19.88 0.60 -9.53
CA PRO A 132 -18.86 1.54 -9.05
C PRO A 132 -17.89 0.98 -8.01
N THR A 133 -16.61 1.25 -8.24
CA THR A 133 -15.54 0.70 -7.48
C THR A 133 -14.62 1.72 -6.81
N ILE A 134 -14.26 1.38 -5.57
CA ILE A 134 -13.19 2.04 -4.80
C ILE A 134 -12.15 1.03 -4.28
N LEU A 135 -10.86 1.30 -4.51
CA LEU A 135 -9.82 0.53 -3.85
C LEU A 135 -9.43 1.36 -2.68
N ASP A 136 -9.68 0.90 -1.46
CA ASP A 136 -9.16 1.59 -0.30
C ASP A 136 -7.74 1.13 0.06
N MET A 137 -6.74 1.94 -0.25
CA MET A 137 -5.36 1.49 -0.18
C MET A 137 -4.57 2.61 0.43
N LYS A 138 -5.13 3.78 0.47
CA LYS A 138 -4.46 4.93 1.15
C LYS A 138 -3.07 5.15 0.61
N ILE A 139 -2.96 5.17 -0.73
CA ILE A 139 -1.67 5.19 -1.35
C ILE A 139 -1.05 6.52 -1.12
N ASN A 140 0.27 6.50 -1.10
CA ASN A 140 1.06 7.68 -1.09
C ASN A 140 2.52 7.35 -1.42
N ASP A 141 3.17 8.26 -2.15
CA ASP A 141 4.62 8.27 -2.34
C ASP A 141 4.98 9.49 -3.18
N ILE A 142 6.20 9.55 -3.66
CA ILE A 142 6.64 10.60 -4.51
C ILE A 142 6.21 10.25 -5.94
N GLY A 143 6.19 11.28 -6.77
CA GLY A 143 5.60 11.24 -8.11
C GLY A 143 6.07 10.10 -8.97
N ASN A 144 7.36 9.99 -9.20
CA ASN A 144 7.84 8.86 -10.04
C ASN A 144 7.36 7.53 -9.47
N THR A 145 7.34 7.41 -8.16
CA THR A 145 7.02 6.10 -7.57
C THR A 145 5.49 5.83 -7.63
N VAL A 146 4.69 6.88 -7.48
CA VAL A 146 3.23 6.74 -7.29
C VAL A 146 2.47 6.43 -8.57
N LYS A 147 3.11 6.67 -9.71
CA LYS A 147 2.56 6.30 -11.01
C LYS A 147 2.32 4.78 -11.07
N ASN A 148 3.18 4.03 -10.38
CA ASN A 148 2.99 2.58 -10.25
C ASN A 148 1.63 2.24 -9.53
N TYR A 149 1.28 2.98 -8.47
CA TYR A 149 -0.06 2.73 -7.91
C TYR A 149 -1.15 3.02 -8.93
N ARG A 150 -1.00 4.17 -9.59
CA ARG A 150 -2.02 4.59 -10.53
C ARG A 150 -2.13 3.47 -11.60
N LYS A 151 -1.01 2.95 -12.05
CA LYS A 151 -1.08 1.84 -12.97
C LYS A 151 -1.86 0.64 -12.37
N PHE A 152 -1.47 0.23 -11.15
CA PHE A 152 -2.11 -0.97 -10.55
C PHE A 152 -3.61 -0.78 -10.47
N ILE A 153 -3.97 0.38 -9.95
CA ILE A 153 -5.34 0.68 -9.57
C ILE A 153 -6.26 1.03 -10.78
N PHE A 154 -5.81 1.94 -11.64
CA PHE A 154 -6.66 2.42 -12.71
C PHE A 154 -6.62 1.66 -14.05
N GLU A 155 -5.55 0.90 -14.32
CA GLU A 155 -5.31 0.22 -15.61
C GLU A 155 -5.47 -1.26 -15.33
N TYR A 156 -4.76 -1.76 -14.32
CA TYR A 156 -4.79 -3.18 -14.02
C TYR A 156 -6.11 -3.69 -13.39
N LEU A 157 -6.62 -3.04 -12.35
CA LEU A 157 -7.91 -3.37 -11.74
C LEU A 157 -9.10 -2.66 -12.38
N LYS A 158 -8.82 -1.62 -13.13
CA LYS A 158 -9.86 -0.77 -13.74
C LYS A 158 -10.83 -0.24 -12.74
N SER A 159 -10.31 0.10 -11.56
CA SER A 159 -11.06 0.72 -10.51
C SER A 159 -11.58 2.07 -10.98
N ASP A 160 -12.67 2.55 -10.39
CA ASP A 160 -13.11 3.95 -10.63
C ASP A 160 -12.42 4.97 -9.77
N SER A 161 -11.97 4.53 -8.58
CA SER A 161 -11.35 5.41 -7.62
C SER A 161 -10.45 4.71 -6.58
N CYS A 162 -9.75 5.53 -5.81
CA CYS A 162 -9.02 5.03 -4.70
C CYS A 162 -8.90 6.01 -3.51
N THR A 163 -8.42 5.52 -2.39
CA THR A 163 -8.16 6.41 -1.26
C THR A 163 -6.71 6.82 -1.26
N VAL A 164 -6.46 8.07 -0.94
CA VAL A 164 -5.12 8.59 -1.04
C VAL A 164 -4.84 9.28 0.27
N ASN A 165 -3.62 9.09 0.74
CA ASN A 165 -3.10 9.92 1.84
C ASN A 165 -2.10 11.01 1.35
N ILE A 166 -2.58 12.26 1.33
CA ILE A 166 -1.86 13.45 0.83
C ILE A 166 -0.86 14.13 1.80
N TYR A 167 -0.68 13.51 2.95
CA TYR A 167 0.20 14.09 3.91
C TYR A 167 1.57 14.55 3.35
N MET A 168 2.15 13.76 2.46
CA MET A 168 3.41 14.15 1.85
C MET A 168 3.27 15.42 1.01
N GLY A 169 2.07 15.68 0.48
CA GLY A 169 1.90 16.65 -0.54
C GLY A 169 0.72 16.46 -1.48
N THR A 170 0.56 17.47 -2.27
CA THR A 170 -0.54 17.54 -3.19
C THR A 170 -0.05 17.16 -4.58
N ASN A 171 1.23 17.41 -4.83
CA ASN A 171 1.83 17.13 -6.13
C ASN A 171 1.62 15.69 -6.62
N MET A 172 1.50 14.74 -5.68
CA MET A 172 1.36 13.29 -5.98
C MET A 172 0.10 12.95 -6.83
N LEU A 173 -0.94 13.76 -6.63
CA LEU A 173 -2.21 13.64 -7.32
C LEU A 173 -2.08 13.86 -8.84
N LYS A 174 -1.05 14.63 -9.25
CA LYS A 174 -0.84 14.85 -10.67
C LYS A 174 -0.50 13.50 -11.28
N ASP A 175 -0.09 12.56 -10.43
CA ASP A 175 0.41 11.28 -10.90
C ASP A 175 -0.50 10.15 -10.50
N ILE A 176 -1.70 10.47 -10.04
CA ILE A 176 -2.70 9.50 -9.57
C ILE A 176 -3.99 9.82 -10.30
N CYS A 177 -4.39 11.10 -10.29
CA CYS A 177 -5.70 11.48 -10.73
C CYS A 177 -5.57 11.87 -12.17
N TYR A 178 -4.31 11.84 -12.65
CA TYR A 178 -4.01 12.21 -14.03
C TYR A 178 -2.92 11.36 -14.70
N ASP A 179 -3.18 10.97 -15.94
CA ASP A 179 -2.21 10.18 -16.73
C ASP A 179 -2.03 10.90 -18.04
N GLU A 180 -0.98 11.68 -18.17
CA GLU A 180 -0.84 12.46 -19.43
C GLU A 180 -0.61 11.64 -20.70
N GLU A 181 0.15 10.56 -20.60
CA GLU A 181 0.56 9.90 -21.82
C GLU A 181 -0.63 9.13 -22.41
N LYS A 182 -1.72 9.01 -21.65
CA LYS A 182 -2.98 8.44 -22.18
C LYS A 182 -4.06 9.53 -22.16
N ASN A 183 -3.69 10.68 -21.64
CA ASN A 183 -4.64 11.74 -21.38
C ASN A 183 -5.94 11.26 -20.65
N LYS A 184 -5.75 10.48 -19.58
CA LYS A 184 -6.85 9.99 -18.76
C LYS A 184 -6.89 10.69 -17.40
N TYR A 185 -8.10 10.79 -16.86
CA TYR A 185 -8.35 11.46 -15.62
C TYR A 185 -8.96 10.43 -14.67
N TYR A 186 -8.52 10.41 -13.42
CA TYR A 186 -9.08 9.38 -12.51
C TYR A 186 -9.55 10.03 -11.19
N SER A 187 -10.48 9.38 -10.50
CA SER A 187 -11.02 9.97 -9.24
C SER A 187 -10.38 9.34 -8.05
N ALA A 188 -10.39 10.09 -6.95
CA ALA A 188 -9.78 9.70 -5.65
C ALA A 188 -10.52 10.34 -4.45
N PHE A 189 -10.29 9.80 -3.27
CA PHE A 189 -10.92 10.32 -2.02
C PHE A 189 -9.71 10.48 -1.13
N VAL A 190 -9.43 11.69 -0.67
CA VAL A 190 -8.30 11.90 0.21
C VAL A 190 -8.75 11.80 1.68
N LEU A 191 -7.83 11.37 2.52
CA LEU A 191 -8.09 11.25 3.95
C LEU A 191 -8.20 12.64 4.58
N VAL A 192 -9.31 12.83 5.22
CA VAL A 192 -9.65 14.10 5.80
C VAL A 192 -9.87 13.79 7.27
N LYS A 193 -10.93 13.04 7.60
CA LYS A 193 -11.10 12.59 8.99
C LYS A 193 -11.34 11.11 9.16
N THR A 194 -10.42 10.44 9.83
CA THR A 194 -10.46 8.99 9.92
C THR A 194 -11.00 8.51 11.28
N THR A 195 -11.55 7.30 11.29
CA THR A 195 -12.27 6.64 12.38
C THR A 195 -11.45 5.96 13.49
N ASN A 196 -10.14 6.07 13.43
CA ASN A 196 -9.38 5.48 14.50
C ASN A 196 -9.35 6.38 15.75
N PRO A 197 -9.48 5.75 16.94
CA PRO A 197 -9.64 6.45 18.23
C PRO A 197 -8.88 7.78 18.29
N ASP A 198 -7.55 7.71 18.06
CA ASP A 198 -6.62 8.84 18.21
C ASP A 198 -6.52 9.68 16.93
N SER A 199 -7.58 9.72 16.13
CA SER A 199 -7.49 10.36 14.79
C SER A 199 -7.23 11.89 14.78
N ALA A 200 -7.52 12.57 15.92
CA ALA A 200 -7.26 14.01 16.15
C ALA A 200 -5.79 14.48 16.29
N ILE A 201 -4.86 13.64 16.77
CA ILE A 201 -3.51 14.19 17.09
C ILE A 201 -2.96 15.14 16.01
N PHE A 202 -3.04 14.72 14.74
CA PHE A 202 -2.54 15.49 13.62
C PHE A 202 -3.69 16.11 12.87
N GLN A 203 -4.79 15.39 12.77
CA GLN A 203 -5.89 15.81 11.91
C GLN A 203 -6.58 17.03 12.51
N LYS A 204 -6.57 17.13 13.85
CA LYS A 204 -7.28 18.24 14.47
C LYS A 204 -6.43 19.24 15.20
N ASN A 205 -5.37 18.79 15.86
CA ASN A 205 -4.48 19.67 16.62
C ASN A 205 -3.41 20.45 15.81
N LEU A 206 -3.16 20.02 14.58
CA LEU A 206 -2.25 20.75 13.69
C LEU A 206 -3.06 21.86 13.04
N SER A 207 -2.45 23.01 12.80
CA SER A 207 -3.16 24.08 12.09
C SER A 207 -2.28 25.08 11.33
N LEU A 208 -2.97 25.94 10.57
CA LEU A 208 -2.44 27.09 9.83
C LEU A 208 -3.58 28.10 9.75
N ASP A 209 -3.31 29.40 10.02
CA ASP A 209 -4.34 30.47 10.06
C ASP A 209 -5.59 30.09 10.85
N ASN A 210 -5.40 29.47 12.01
CA ASN A 210 -6.52 29.09 12.89
C ASN A 210 -7.42 28.00 12.27
N LYS A 211 -7.13 27.58 11.03
CA LYS A 211 -7.77 26.42 10.38
C LYS A 211 -7.08 25.09 10.75
N GLN A 212 -7.86 24.04 10.99
CA GLN A 212 -7.31 22.75 11.42
C GLN A 212 -6.71 22.01 10.23
N ALA A 213 -5.97 20.93 10.46
CA ALA A 213 -5.22 20.30 9.38
C ALA A 213 -6.16 19.80 8.29
N TYR A 214 -7.24 19.18 8.76
CA TYR A 214 -8.15 18.51 7.88
C TYR A 214 -8.88 19.50 6.95
N VAL A 215 -9.04 20.74 7.41
CA VAL A 215 -9.53 21.87 6.57
C VAL A 215 -8.52 22.34 5.51
N ILE A 216 -7.26 22.58 5.89
CA ILE A 216 -6.26 22.86 4.84
C ILE A 216 -6.07 21.71 3.86
N MET A 217 -5.92 20.51 4.40
CA MET A 217 -5.82 19.29 3.59
C MET A 217 -6.99 19.16 2.60
N ALA A 218 -8.23 19.28 3.07
CA ALA A 218 -9.38 19.19 2.19
C ALA A 218 -9.43 20.31 1.16
N GLN A 219 -8.99 21.50 1.56
CA GLN A 219 -8.94 22.70 0.69
C GLN A 219 -7.93 22.49 -0.43
N GLU A 220 -6.69 22.19 -0.02
CA GLU A 220 -5.59 21.93 -0.93
C GLU A 220 -5.84 20.78 -1.94
N ALA A 221 -6.49 19.71 -1.47
CA ALA A 221 -6.91 18.63 -2.33
C ALA A 221 -7.76 19.18 -3.49
N LEU A 222 -8.68 20.09 -3.15
CA LEU A 222 -9.67 20.64 -4.05
C LEU A 222 -9.05 21.66 -4.98
N ASN A 223 -8.00 22.33 -4.50
CA ASN A 223 -7.14 23.19 -5.32
C ASN A 223 -6.40 22.41 -6.44
N MET A 224 -6.06 21.14 -6.15
CA MET A 224 -5.42 20.28 -7.17
C MET A 224 -6.48 19.73 -8.12
N SER A 225 -7.65 19.35 -7.61
CA SER A 225 -8.81 18.94 -8.45
C SER A 225 -9.12 20.01 -9.52
N SER A 226 -9.05 21.27 -9.11
CA SER A 226 -9.13 22.37 -10.07
C SER A 226 -7.89 22.53 -10.95
N TYR A 227 -6.69 22.42 -10.38
CA TYR A 227 -5.49 22.50 -11.22
C TYR A 227 -5.48 21.41 -12.29
N LEU A 228 -5.75 20.17 -11.91
CA LEU A 228 -5.70 19.04 -12.86
C LEU A 228 -6.77 19.09 -13.94
N ASN A 229 -7.76 19.98 -13.76
CA ASN A 229 -8.91 20.01 -14.65
C ASN A 229 -9.79 18.74 -14.60
N LEU A 230 -10.08 18.21 -13.39
CA LEU A 230 -10.79 16.89 -13.24
C LEU A 230 -12.31 16.91 -13.39
N GLU A 231 -12.97 18.02 -13.04
CA GLU A 231 -14.45 18.21 -13.14
C GLU A 231 -14.95 18.26 -14.56
N GLN A 232 -14.23 19.09 -15.31
CA GLN A 232 -14.39 19.26 -16.73
C GLN A 232 -14.34 17.87 -17.32
N ASN A 233 -13.48 17.02 -16.77
CA ASN A 233 -13.39 15.62 -17.28
C ASN A 233 -14.28 14.54 -16.61
N ASN A 234 -15.33 14.96 -15.93
CA ASN A 234 -16.26 14.06 -15.22
C ASN A 234 -15.60 13.23 -14.03
N GLU A 235 -14.48 13.74 -13.50
CA GLU A 235 -13.78 13.10 -12.37
C GLU A 235 -13.56 14.10 -11.22
N PHE A 236 -13.08 13.62 -10.08
CA PHE A 236 -12.95 14.47 -8.85
C PHE A 236 -11.90 13.95 -7.87
N ILE A 237 -11.46 14.84 -7.00
CA ILE A 237 -10.87 14.46 -5.74
C ILE A 237 -11.88 14.79 -4.62
N GLY A 238 -12.21 13.78 -3.80
CA GLY A 238 -13.21 13.89 -2.74
C GLY A 238 -12.56 13.61 -1.40
N PHE A 239 -13.39 13.32 -0.39
CA PHE A 239 -12.90 13.34 0.96
C PHE A 239 -13.39 12.13 1.74
N VAL A 240 -12.47 11.45 2.43
CA VAL A 240 -12.82 10.49 3.49
C VAL A 240 -13.09 11.22 4.77
N VAL A 241 -14.28 11.02 5.34
CA VAL A 241 -14.69 11.64 6.65
C VAL A 241 -15.42 10.59 7.51
N GLY A 242 -14.76 10.14 8.59
CA GLY A 242 -15.28 9.10 9.42
C GLY A 242 -16.71 9.40 9.92
N ALA A 243 -17.47 8.33 10.11
CA ALA A 243 -18.89 8.44 10.35
C ALA A 243 -19.09 9.16 11.68
N ASN A 244 -18.27 8.75 12.67
CA ASN A 244 -18.20 9.37 14.02
C ASN A 244 -17.55 10.77 14.05
N SER A 245 -17.31 11.41 12.90
CA SER A 245 -16.78 12.78 13.02
C SER A 245 -17.88 13.78 12.69
N TYR A 246 -18.82 13.92 13.65
CA TYR A 246 -20.15 14.54 13.42
C TYR A 246 -20.00 15.98 13.02
N ASP A 247 -19.37 16.70 13.93
CA ASP A 247 -19.09 18.11 13.80
C ASP A 247 -18.40 18.41 12.48
N GLU A 248 -17.28 17.75 12.22
CA GLU A 248 -16.50 17.97 10.97
C GLU A 248 -17.23 17.59 9.67
N MET A 249 -18.03 16.54 9.75
CA MET A 249 -18.87 16.15 8.61
C MET A 249 -19.75 17.34 8.29
N ASN A 250 -20.38 17.86 9.33
CA ASN A 250 -21.26 19.00 9.17
C ASN A 250 -20.50 20.17 8.54
N TYR A 251 -19.34 20.45 9.07
CA TYR A 251 -18.46 21.52 8.61
C TYR A 251 -18.09 21.39 7.13
N ILE A 252 -17.59 20.24 6.70
CA ILE A 252 -17.17 20.11 5.30
C ILE A 252 -18.34 20.15 4.38
N ARG A 253 -19.47 19.59 4.77
CA ARG A 253 -20.61 19.72 3.81
C ARG A 253 -21.11 21.16 3.71
N THR A 254 -20.91 21.90 4.81
CA THR A 254 -21.18 23.32 4.85
C THR A 254 -20.18 24.07 3.96
N TYR A 255 -18.88 23.95 4.22
CA TYR A 255 -17.94 24.84 3.52
C TYR A 255 -17.49 24.43 2.12
N PHE A 256 -17.86 23.20 1.74
CA PHE A 256 -17.55 22.64 0.45
C PHE A 256 -18.78 21.91 -0.09
N PRO A 257 -19.90 22.65 -0.37
CA PRO A 257 -21.04 22.01 -1.01
C PRO A 257 -20.52 21.32 -2.21
N ASN A 258 -21.36 20.53 -2.87
CA ASN A 258 -20.93 19.83 -4.09
C ASN A 258 -19.71 18.86 -3.97
N CYS A 259 -19.04 18.79 -2.81
CA CYS A 259 -17.93 17.83 -2.69
C CYS A 259 -18.40 16.38 -2.59
N TYR A 260 -17.49 15.46 -2.90
CA TYR A 260 -17.78 14.04 -2.78
C TYR A 260 -17.16 13.50 -1.52
N ILE A 261 -17.98 12.92 -0.66
CA ILE A 261 -17.48 12.38 0.57
C ILE A 261 -17.79 10.89 0.74
N LEU A 262 -16.75 10.16 1.19
CA LEU A 262 -16.83 8.75 1.57
C LEU A 262 -16.83 8.63 3.11
N SER A 263 -17.86 8.00 3.71
CA SER A 263 -17.92 7.85 5.19
C SER A 263 -17.92 6.40 5.70
N PRO A 264 -16.79 5.94 6.24
CA PRO A 264 -16.72 4.63 6.85
C PRO A 264 -16.89 4.76 8.39
N GLY A 265 -17.16 3.63 9.05
CA GLY A 265 -17.40 3.53 10.51
C GLY A 265 -18.69 2.83 11.03
N ILE A 266 -19.67 2.55 10.18
CA ILE A 266 -20.94 1.95 10.63
C ILE A 266 -20.97 0.39 10.64
N GLY A 267 -21.43 -0.16 11.77
CA GLY A 267 -21.53 -1.60 11.92
C GLY A 267 -20.49 -2.13 12.90
N ALA A 268 -19.34 -2.56 12.40
CA ALA A 268 -18.32 -3.09 13.31
C ALA A 268 -17.59 -2.05 14.19
N GLN A 269 -17.56 -0.77 13.79
CA GLN A 269 -17.50 0.32 14.85
C GLN A 269 -18.91 0.74 15.34
N ASN A 270 -19.01 1.48 16.44
CA ASN A 270 -20.28 2.15 16.84
C ASN A 270 -20.37 3.49 16.05
N GLY A 271 -21.09 4.53 16.49
CA GLY A 271 -22.50 4.49 16.86
C GLY A 271 -23.19 4.65 15.52
N ASP A 272 -24.46 5.08 15.53
CA ASP A 272 -25.32 4.82 14.37
C ASP A 272 -25.28 5.83 13.21
N LEU A 273 -26.26 5.68 12.33
CA LEU A 273 -26.25 6.09 10.94
C LEU A 273 -26.87 7.47 10.72
N HIS A 274 -28.02 7.69 11.35
CA HIS A 274 -28.74 8.95 11.29
C HIS A 274 -27.88 9.90 12.04
N LYS A 275 -27.46 9.41 13.21
CA LYS A 275 -27.04 10.19 14.34
C LYS A 275 -26.41 11.57 14.06
N THR A 276 -26.15 11.81 12.77
CA THR A 276 -25.77 13.12 12.18
C THR A 276 -25.06 12.78 10.90
N LEU A 277 -24.72 11.51 10.74
CA LEU A 277 -23.72 11.16 9.72
C LEU A 277 -24.32 11.45 8.40
N THR A 278 -25.42 10.79 8.08
CA THR A 278 -25.96 10.94 6.74
C THR A 278 -26.62 12.31 6.51
N ASN A 279 -27.29 12.83 7.53
CA ASN A 279 -27.86 14.18 7.46
C ASN A 279 -26.82 15.30 7.63
N GLY A 280 -25.81 15.07 8.46
CA GLY A 280 -24.69 15.99 8.48
C GLY A 280 -24.09 15.64 7.16
N TYR A 281 -24.10 16.57 6.21
CA TYR A 281 -23.50 16.24 4.90
C TYR A 281 -24.38 15.49 3.91
N HIS A 282 -25.69 15.73 3.98
CA HIS A 282 -26.64 15.32 2.96
C HIS A 282 -26.24 16.08 1.70
N LYS A 283 -26.61 15.56 0.53
CA LYS A 283 -26.72 16.37 -0.70
C LYS A 283 -27.60 15.66 -1.73
N SER A 284 -27.27 15.75 -3.03
CA SER A 284 -27.65 14.79 -4.10
C SER A 284 -26.71 13.57 -3.93
N TYR A 285 -27.28 12.47 -3.47
CA TYR A 285 -26.64 11.68 -2.43
C TYR A 285 -25.54 10.67 -2.81
N GLU A 286 -25.25 10.53 -4.11
CA GLU A 286 -24.02 9.85 -4.51
C GLU A 286 -22.80 10.56 -3.92
N LYS A 287 -23.00 11.76 -3.36
CA LYS A 287 -21.92 12.60 -2.82
C LYS A 287 -21.66 12.34 -1.35
N ILE A 288 -22.54 11.57 -0.72
CA ILE A 288 -22.35 11.12 0.65
C ILE A 288 -22.41 9.58 0.74
N LEU A 289 -21.25 8.91 0.57
CA LEU A 289 -21.28 7.42 0.55
C LEU A 289 -21.18 6.83 1.97
N ILE A 290 -22.06 5.90 2.32
CA ILE A 290 -22.06 5.37 3.69
C ILE A 290 -21.56 3.95 3.60
N ASN A 291 -20.33 3.76 4.02
CA ASN A 291 -19.73 2.49 3.84
C ASN A 291 -20.07 1.56 4.97
N ILE A 292 -20.51 0.35 4.62
CA ILE A 292 -20.78 -0.63 5.63
C ILE A 292 -20.16 -1.93 5.23
N GLY A 293 -19.23 -2.39 6.08
CA GLY A 293 -18.37 -3.51 5.75
C GLY A 293 -18.80 -4.77 6.52
N ARG A 294 -18.10 -5.01 7.63
CA ARG A 294 -18.23 -6.22 8.42
C ARG A 294 -19.64 -6.56 8.86
N ALA A 295 -20.45 -5.53 9.11
CA ALA A 295 -21.79 -5.73 9.60
C ALA A 295 -22.61 -6.35 8.47
N ILE A 296 -22.12 -6.32 7.24
CA ILE A 296 -22.78 -7.06 6.17
C ILE A 296 -22.10 -8.42 5.94
N THR A 297 -20.77 -8.43 5.85
CA THR A 297 -20.04 -9.60 5.38
C THR A 297 -19.86 -10.64 6.49
N LYS A 298 -19.96 -10.24 7.75
CA LYS A 298 -19.82 -11.19 8.86
C LYS A 298 -21.17 -11.65 9.46
N ASN A 299 -22.26 -11.10 8.95
CA ASN A 299 -23.64 -11.51 9.22
C ASN A 299 -24.00 -12.83 8.45
N PRO A 300 -24.49 -13.86 9.18
CA PRO A 300 -25.13 -15.08 8.64
C PRO A 300 -25.93 -14.89 7.33
N TYR A 301 -26.62 -13.76 7.18
CA TYR A 301 -27.44 -13.47 6.00
C TYR A 301 -27.13 -12.15 5.32
N PRO A 302 -26.08 -12.15 4.48
CA PRO A 302 -25.66 -10.84 4.03
C PRO A 302 -26.69 -10.09 3.21
N GLN A 303 -27.46 -10.77 2.33
CA GLN A 303 -28.46 -10.09 1.53
C GLN A 303 -29.43 -9.39 2.46
N LYS A 304 -29.84 -10.06 3.53
CA LYS A 304 -30.76 -9.41 4.46
C LYS A 304 -30.10 -8.28 5.24
N ALA A 305 -28.83 -8.40 5.57
CA ALA A 305 -28.22 -7.30 6.32
C ALA A 305 -28.14 -6.05 5.41
N ALA A 306 -27.72 -6.28 4.16
CA ALA A 306 -27.71 -5.28 3.11
C ALA A 306 -29.04 -4.55 2.98
N GLN A 307 -30.09 -5.34 2.75
CA GLN A 307 -31.41 -4.79 2.63
C GLN A 307 -31.76 -3.92 3.83
N MET A 308 -31.53 -4.42 5.04
CA MET A 308 -31.84 -3.67 6.25
C MET A 308 -31.12 -2.32 6.35
N TYR A 309 -29.83 -2.30 6.03
CA TYR A 309 -29.07 -1.04 5.96
C TYR A 309 -29.55 -0.14 4.83
N TYR A 310 -29.85 -0.74 3.67
CA TYR A 310 -30.37 -0.02 2.53
C TYR A 310 -31.70 0.64 2.91
N ASP A 311 -32.54 -0.10 3.64
CA ASP A 311 -33.78 0.49 4.12
C ASP A 311 -33.48 1.67 5.04
N GLN A 312 -32.51 1.54 5.97
CA GLN A 312 -32.21 2.62 6.91
C GLN A 312 -31.73 3.89 6.23
N ILE A 313 -30.77 3.74 5.33
CA ILE A 313 -30.25 4.87 4.57
C ILE A 313 -31.32 5.56 3.73
N ASN A 314 -32.18 4.80 3.07
CA ASN A 314 -33.25 5.41 2.28
C ASN A 314 -34.25 6.17 3.16
N ALA A 315 -34.71 5.51 4.22
CA ALA A 315 -35.56 6.17 5.20
C ALA A 315 -34.99 7.53 5.58
N ILE A 316 -33.76 7.54 6.10
CA ILE A 316 -33.10 8.77 6.50
C ILE A 316 -32.97 9.83 5.37
N LEU A 317 -32.79 9.41 4.12
CA LEU A 317 -32.78 10.39 3.02
C LEU A 317 -34.19 11.00 2.77
N LYS A 318 -34.93 11.19 3.87
CA LYS A 318 -36.37 11.61 3.88
C LYS A 318 -37.16 11.01 2.73
N MET B 1 17.80 -12.94 15.11
CA MET B 1 17.12 -12.19 16.19
C MET B 1 16.79 -10.77 15.74
N GLY B 2 16.94 -9.82 16.66
CA GLY B 2 16.42 -8.45 16.49
C GLY B 2 17.23 -7.64 15.50
N PHE B 3 16.59 -6.60 14.94
CA PHE B 3 17.11 -5.77 13.86
C PHE B 3 18.23 -4.86 14.35
N LYS B 4 18.07 -4.28 15.52
CA LYS B 4 19.15 -3.50 16.12
C LYS B 4 20.48 -4.29 16.12
N VAL B 5 20.41 -5.57 16.52
CA VAL B 5 21.59 -6.49 16.53
C VAL B 5 22.10 -6.82 15.10
N LYS B 6 21.19 -6.82 14.14
CA LYS B 6 21.48 -7.15 12.74
C LYS B 6 22.20 -5.98 12.05
N LEU B 7 21.81 -4.75 12.37
CA LEU B 7 22.45 -3.56 11.80
C LEU B 7 23.89 -3.29 12.29
N GLU B 8 24.12 -3.48 13.59
CA GLU B 8 25.43 -3.22 14.21
C GLU B 8 26.48 -4.24 13.81
N LYS B 9 26.15 -5.51 14.02
CA LYS B 9 27.02 -6.61 13.64
C LYS B 9 27.25 -6.66 12.13
N ARG B 10 26.29 -6.20 11.34
CA ARG B 10 26.52 -6.08 9.89
C ARG B 10 27.45 -4.92 9.54
N ARG B 11 27.13 -3.71 9.97
CA ARG B 11 28.05 -2.60 9.72
C ARG B 11 29.45 -2.90 10.24
N ASN B 12 29.55 -3.75 11.27
CA ASN B 12 30.86 -4.25 11.74
C ASN B 12 31.56 -5.06 10.66
N ALA B 13 30.79 -5.89 9.98
CA ALA B 13 31.31 -6.73 8.93
C ALA B 13 31.75 -5.90 7.73
N ILE B 14 30.97 -4.89 7.34
CA ILE B 14 31.24 -4.22 6.06
C ILE B 14 31.56 -2.73 6.14
N ASN B 15 31.37 -2.15 7.32
CA ASN B 15 31.90 -0.82 7.62
C ASN B 15 31.30 0.37 6.85
N THR B 16 30.10 0.25 6.34
CA THR B 16 29.45 1.43 5.76
C THR B 16 28.03 1.52 6.26
N CYS B 17 27.35 2.59 5.83
CA CYS B 17 25.92 2.69 5.98
C CYS B 17 25.26 3.03 4.63
N LEU B 18 25.77 2.49 3.53
CA LEU B 18 25.06 2.60 2.28
C LEU B 18 23.86 1.68 2.31
N CYS B 19 22.72 2.19 1.83
CA CYS B 19 21.46 1.42 1.68
C CYS B 19 21.11 1.45 0.21
N ILE B 20 21.03 0.29 -0.39
CA ILE B 20 20.79 0.24 -1.82
C ILE B 20 19.32 0.02 -2.07
N GLY B 21 18.70 0.93 -2.81
CA GLY B 21 17.33 0.75 -3.21
C GLY B 21 17.15 -0.12 -4.41
N LEU B 22 16.13 -0.97 -4.39
CA LEU B 22 15.86 -1.88 -5.54
C LEU B 22 14.41 -1.66 -5.98
N ASP B 23 14.24 -0.74 -6.94
CA ASP B 23 12.97 -0.27 -7.41
C ASP B 23 12.98 -0.47 -8.89
N PRO B 24 12.81 -1.72 -9.36
CA PRO B 24 12.85 -1.90 -10.82
C PRO B 24 11.57 -1.56 -11.56
N ASP B 25 11.70 -0.77 -12.61
CA ASP B 25 10.54 -0.37 -13.38
C ASP B 25 10.46 -1.18 -14.64
N GLU B 26 9.38 -0.97 -15.40
CA GLU B 26 9.15 -1.75 -16.61
C GLU B 26 10.38 -1.64 -17.53
N LYS B 27 10.93 -0.44 -17.64
CA LYS B 27 12.06 -0.28 -18.52
C LYS B 27 13.30 -1.00 -18.04
N ASP B 28 13.58 -1.01 -16.73
CA ASP B 28 14.71 -1.80 -16.24
C ASP B 28 14.63 -3.27 -16.62
N ILE B 29 13.43 -3.85 -16.52
CA ILE B 29 13.20 -5.26 -16.87
C ILE B 29 13.31 -5.51 -18.39
N GLU B 30 12.67 -4.65 -19.15
CA GLU B 30 12.55 -4.84 -20.62
C GLU B 30 13.94 -4.80 -21.20
N ASN B 31 14.78 -3.95 -20.61
CA ASN B 31 16.17 -3.70 -21.04
C ASN B 31 17.18 -4.80 -20.60
N PHE B 32 16.93 -5.45 -19.45
CA PHE B 32 17.81 -6.51 -18.93
C PHE B 32 17.50 -7.76 -19.72
N MET B 33 16.22 -7.93 -20.04
CA MET B 33 15.84 -8.97 -20.93
C MET B 33 16.53 -8.78 -22.30
N LYS B 34 16.51 -7.58 -22.87
CA LYS B 34 17.11 -7.40 -24.22
C LYS B 34 18.61 -7.77 -24.22
N ASN B 35 19.37 -7.17 -23.32
CA ASN B 35 20.79 -7.45 -23.15
C ASN B 35 21.10 -8.90 -22.91
N GLU B 36 20.35 -9.56 -22.04
CA GLU B 36 20.53 -10.97 -21.80
C GLU B 36 20.29 -11.85 -23.07
N LYS B 37 19.30 -11.48 -23.90
CA LYS B 37 18.95 -12.24 -25.10
C LYS B 37 20.00 -12.10 -26.20
N GLU B 38 20.60 -10.92 -26.26
CA GLU B 38 21.66 -10.68 -27.21
C GLU B 38 23.08 -10.99 -26.66
N ASN B 39 23.16 -11.50 -25.42
CA ASN B 39 24.44 -12.01 -24.84
C ASN B 39 24.42 -13.41 -24.26
N ASN B 40 23.66 -14.31 -24.87
CA ASN B 40 23.54 -15.70 -24.40
C ASN B 40 23.28 -15.75 -22.86
N TYR B 41 22.30 -14.96 -22.41
CA TYR B 41 21.78 -15.09 -21.06
C TYR B 41 22.87 -15.00 -20.00
N ASN B 42 23.73 -14.02 -20.14
CA ASN B 42 24.95 -13.98 -19.35
C ASN B 42 24.75 -13.89 -17.84
N ASN B 43 24.15 -12.77 -17.39
CA ASN B 43 23.93 -12.56 -15.97
C ASN B 43 22.96 -13.52 -15.31
N ILE B 44 22.04 -14.07 -16.10
CA ILE B 44 21.15 -15.13 -15.60
C ILE B 44 22.01 -16.36 -15.24
N LYS B 45 22.92 -16.73 -16.14
CA LYS B 45 23.85 -17.83 -15.86
C LYS B 45 24.60 -17.60 -14.56
N LYS B 46 25.16 -16.40 -14.40
CA LYS B 46 25.72 -15.99 -13.11
C LYS B 46 24.73 -16.25 -11.99
N ASN B 47 23.55 -15.66 -12.10
CA ASN B 47 22.53 -15.79 -11.09
C ASN B 47 22.33 -17.26 -10.76
N LEU B 48 22.11 -18.04 -11.80
CA LEU B 48 21.69 -19.41 -11.66
C LEU B 48 22.74 -20.27 -10.94
N LYS B 49 23.93 -19.72 -10.75
CA LYS B 49 25.02 -20.46 -10.10
C LYS B 49 25.24 -20.02 -8.67
N GLU B 50 24.72 -18.85 -8.31
CA GLU B 50 24.85 -18.34 -6.94
C GLU B 50 24.24 -19.34 -5.94
N LYS B 51 24.86 -19.41 -4.77
CA LYS B 51 24.68 -20.49 -3.79
C LYS B 51 23.26 -20.52 -3.25
N TYR B 52 22.78 -19.33 -2.89
CA TYR B 52 21.60 -19.20 -2.09
C TYR B 52 20.36 -18.92 -2.95
N ILE B 53 20.45 -19.13 -4.26
CA ILE B 53 19.27 -18.99 -5.12
C ILE B 53 18.20 -20.06 -4.85
N ASN B 54 18.61 -21.17 -4.26
CA ASN B 54 17.73 -22.29 -3.91
C ASN B 54 16.86 -21.95 -2.71
N ASN B 55 17.23 -20.89 -2.01
CA ASN B 55 16.52 -20.52 -0.80
C ASN B 55 15.26 -19.65 -0.99
N VAL B 56 14.88 -19.41 -2.25
CA VAL B 56 13.65 -18.66 -2.60
C VAL B 56 12.50 -19.67 -2.61
N SER B 57 11.24 -19.21 -2.56
CA SER B 57 10.10 -20.14 -2.45
C SER B 57 9.05 -20.13 -3.57
N ILE B 58 9.04 -19.09 -4.41
CA ILE B 58 8.00 -19.02 -5.42
C ILE B 58 8.49 -19.37 -6.83
N LYS B 59 7.84 -20.37 -7.40
CA LYS B 59 8.11 -20.84 -8.73
C LYS B 59 9.59 -21.09 -9.01
N LYS B 60 10.21 -21.91 -8.16
CA LYS B 60 11.54 -22.43 -8.42
C LYS B 60 11.60 -23.20 -9.76
N ASP B 61 10.52 -23.93 -10.07
CA ASP B 61 10.53 -24.80 -11.25
C ASP B 61 10.73 -24.03 -12.56
N ILE B 62 10.36 -22.76 -12.56
CA ILE B 62 10.53 -21.81 -13.69
C ILE B 62 11.72 -20.87 -13.49
N LEU B 63 11.97 -20.50 -12.25
CA LEU B 63 13.03 -19.54 -11.96
C LEU B 63 14.45 -20.07 -12.16
N LEU B 64 14.61 -21.35 -11.85
CA LEU B 64 15.91 -21.98 -11.74
C LEU B 64 16.16 -22.86 -12.93
N LYS B 65 15.16 -22.98 -13.79
CA LYS B 65 15.37 -23.54 -15.13
C LYS B 65 16.35 -22.65 -15.94
N ALA B 66 17.24 -23.31 -16.68
CA ALA B 66 18.15 -22.66 -17.63
C ALA B 66 17.31 -22.04 -18.75
N PRO B 67 17.70 -20.87 -19.28
CA PRO B 67 16.86 -20.19 -20.30
C PRO B 67 16.69 -20.86 -21.72
N ASP B 68 16.06 -22.02 -21.75
CA ASP B 68 15.34 -22.47 -22.93
C ASP B 68 13.85 -22.22 -22.63
N ASN B 69 13.55 -21.07 -22.01
CA ASN B 69 12.15 -20.65 -21.74
C ASN B 69 11.64 -19.57 -22.71
N ILE B 70 12.47 -19.28 -23.71
CA ILE B 70 12.18 -18.28 -24.75
C ILE B 70 10.85 -18.58 -25.50
N ILE B 71 10.89 -19.53 -26.44
CA ILE B 71 9.68 -20.21 -26.90
C ILE B 71 10.09 -21.67 -26.97
N ARG B 72 10.39 -22.21 -25.80
CA ARG B 72 10.23 -23.63 -25.54
C ARG B 72 8.95 -23.66 -24.72
N GLU B 73 7.83 -23.48 -25.43
CA GLU B 73 6.53 -23.10 -24.86
C GLU B 73 6.79 -21.97 -23.86
N GLU B 74 6.42 -22.20 -22.60
CA GLU B 74 6.70 -21.28 -21.48
C GLU B 74 6.78 -19.80 -21.87
N LYS B 75 5.95 -19.41 -22.83
CA LYS B 75 5.83 -18.01 -23.24
C LYS B 75 5.40 -17.08 -22.10
N SER B 76 4.25 -17.41 -21.50
CA SER B 76 3.55 -16.63 -20.49
C SER B 76 4.38 -16.24 -19.26
N GLU B 77 5.51 -16.91 -19.10
CA GLU B 77 6.26 -16.92 -17.86
C GLU B 77 7.57 -16.08 -18.00
N GLU B 78 7.81 -15.57 -19.21
CA GLU B 78 8.98 -14.74 -19.53
C GLU B 78 9.15 -13.52 -18.60
N PHE B 79 8.07 -12.76 -18.41
CA PHE B 79 8.16 -11.54 -17.60
C PHE B 79 8.56 -11.86 -16.19
N PHE B 80 7.90 -12.88 -15.64
CA PHE B 80 8.28 -13.35 -14.31
C PHE B 80 9.76 -13.62 -14.18
N TYR B 81 10.27 -14.39 -15.13
CA TYR B 81 11.64 -14.91 -15.12
C TYR B 81 12.72 -13.79 -15.14
N PHE B 82 12.61 -12.90 -16.12
CA PHE B 82 13.53 -11.74 -16.22
C PHE B 82 13.33 -10.68 -15.13
N PHE B 83 12.09 -10.48 -14.65
CA PHE B 83 11.87 -9.46 -13.56
C PHE B 83 12.68 -9.97 -12.39
N ASN B 84 12.52 -11.26 -12.08
CA ASN B 84 13.13 -11.80 -10.90
C ASN B 84 14.64 -11.91 -11.02
N HIS B 85 15.08 -12.33 -12.17
CA HIS B 85 16.54 -12.41 -12.46
C HIS B 85 17.22 -11.06 -12.47
N PHE B 86 16.49 -10.03 -12.88
CA PHE B 86 17.07 -8.73 -12.80
C PHE B 86 17.35 -8.35 -11.37
N CYS B 87 16.38 -8.66 -10.48
CA CYS B 87 16.53 -8.29 -9.07
C CYS B 87 17.72 -9.05 -8.46
N PHE B 88 17.80 -10.33 -8.82
CA PHE B 88 18.88 -11.18 -8.37
C PHE B 88 20.21 -10.59 -8.86
N TYR B 89 20.21 -10.06 -10.08
CA TYR B 89 21.41 -9.55 -10.71
C TYR B 89 21.92 -8.34 -9.91
N ILE B 90 21.03 -7.44 -9.50
CA ILE B 90 21.46 -6.25 -8.80
C ILE B 90 21.96 -6.60 -7.39
N ILE B 91 21.21 -7.46 -6.68
CA ILE B 91 21.64 -7.97 -5.38
C ILE B 91 23.04 -8.64 -5.41
N ASN B 92 23.24 -9.50 -6.40
CA ASN B 92 24.52 -10.20 -6.55
C ASN B 92 25.70 -9.28 -6.87
N GLU B 93 25.42 -8.25 -7.67
CA GLU B 93 26.44 -7.32 -8.08
C GLU B 93 26.73 -6.28 -6.98
N THR B 94 25.84 -6.12 -6.01
CA THR B 94 26.04 -5.01 -5.10
C THR B 94 26.03 -5.30 -3.60
N ASN B 95 25.53 -6.47 -3.20
CA ASN B 95 25.39 -6.72 -1.77
C ASN B 95 26.64 -6.56 -0.88
N LYS B 96 27.86 -6.67 -1.43
CA LYS B 96 29.08 -6.49 -0.62
C LYS B 96 29.29 -5.03 -0.18
N TYR B 97 28.58 -4.10 -0.81
CA TYR B 97 28.68 -2.69 -0.44
C TYR B 97 27.52 -2.19 0.46
N ALA B 98 26.45 -2.97 0.55
CA ALA B 98 25.19 -2.55 1.21
C ALA B 98 25.01 -2.99 2.64
N LEU B 99 24.76 -2.03 3.53
CA LEU B 99 24.34 -2.37 4.88
C LEU B 99 22.96 -3.02 4.78
N THR B 100 22.02 -2.31 4.16
CA THR B 100 20.65 -2.81 4.00
C THR B 100 20.23 -2.67 2.54
N PHE B 101 19.19 -3.41 2.16
CA PHE B 101 18.42 -3.14 0.93
C PHE B 101 16.99 -2.66 1.21
N LYS B 102 16.57 -1.61 0.50
CA LYS B 102 15.23 -1.07 0.61
C LYS B 102 14.47 -1.29 -0.69
N MET B 103 13.43 -2.12 -0.62
CA MET B 103 12.61 -2.39 -1.81
C MET B 103 11.31 -1.64 -1.72
N ASN B 104 10.97 -0.86 -2.74
CA ASN B 104 9.73 -0.06 -2.61
C ASN B 104 8.59 -0.85 -3.20
N PHE B 105 7.61 -1.09 -2.37
CA PHE B 105 6.42 -1.90 -2.74
C PHE B 105 5.77 -1.50 -4.03
N ALA B 106 5.55 -0.21 -4.26
CA ALA B 106 4.86 0.18 -5.47
C ALA B 106 5.45 -0.43 -6.78
N PHE B 107 6.76 -0.69 -6.82
CA PHE B 107 7.36 -1.26 -8.10
C PHE B 107 7.00 -2.71 -8.38
N TYR B 108 6.44 -3.37 -7.36
CA TYR B 108 6.23 -4.83 -7.48
C TYR B 108 4.78 -5.24 -7.69
N ILE B 109 3.89 -4.25 -7.52
CA ILE B 109 2.42 -4.42 -7.54
C ILE B 109 1.71 -4.12 -8.85
N PRO B 110 2.30 -3.33 -9.79
CA PRO B 110 1.42 -2.88 -10.87
C PRO B 110 1.10 -3.86 -11.98
N TYR B 111 1.74 -5.05 -11.99
CA TYR B 111 1.38 -6.07 -12.97
C TYR B 111 0.49 -7.12 -12.34
N GLY B 112 0.11 -6.88 -11.08
CA GLY B 112 -0.74 -7.84 -10.39
C GLY B 112 0.09 -8.72 -9.50
N SER B 113 -0.23 -10.02 -9.51
CA SER B 113 0.34 -10.96 -8.55
C SER B 113 1.78 -11.36 -8.89
N VAL B 114 2.08 -11.46 -10.20
CA VAL B 114 3.45 -11.88 -10.64
C VAL B 114 4.58 -11.10 -9.94
N GLY B 115 4.39 -9.80 -9.79
CA GLY B 115 5.39 -8.96 -9.10
C GLY B 115 5.46 -9.17 -7.59
N ILE B 116 4.38 -9.69 -7.02
CA ILE B 116 4.35 -9.99 -5.60
C ILE B 116 5.18 -11.27 -5.41
N ASP B 117 5.03 -12.23 -6.31
CA ASP B 117 5.88 -13.43 -6.32
C ASP B 117 7.35 -13.02 -6.45
N VAL B 118 7.66 -12.04 -7.33
CA VAL B 118 9.05 -11.57 -7.42
C VAL B 118 9.47 -10.95 -6.11
N LEU B 119 8.60 -10.09 -5.52
CA LEU B 119 8.93 -9.42 -4.28
C LEU B 119 9.16 -10.43 -3.13
N LYS B 120 8.33 -11.48 -3.11
CA LYS B 120 8.56 -12.55 -2.15
C LYS B 120 9.95 -13.20 -2.28
N ASN B 121 10.31 -13.59 -3.51
CA ASN B 121 11.61 -14.29 -3.77
C ASN B 121 12.79 -13.37 -3.47
N VAL B 122 12.68 -12.10 -3.82
CA VAL B 122 13.70 -11.10 -3.55
C VAL B 122 13.89 -11.01 -2.03
N PHE B 123 12.78 -10.94 -1.27
CA PHE B 123 12.91 -10.98 0.19
C PHE B 123 13.45 -12.26 0.78
N ASP B 124 13.04 -13.42 0.26
CA ASP B 124 13.69 -14.66 0.69
C ASP B 124 15.23 -14.59 0.41
N TYR B 125 15.61 -14.17 -0.80
CA TYR B 125 17.00 -14.10 -1.21
C TYR B 125 17.85 -13.26 -0.24
N LEU B 126 17.42 -12.03 0.02
CA LEU B 126 18.03 -11.21 1.04
C LEU B 126 18.06 -11.82 2.47
N TYR B 127 16.94 -12.40 2.92
CA TYR B 127 16.87 -13.07 4.23
C TYR B 127 18.02 -14.05 4.39
N GLU B 128 18.17 -14.94 3.41
CA GLU B 128 19.15 -16.03 3.48
C GLU B 128 20.58 -15.55 3.38
N LEU B 129 20.83 -14.52 2.57
CA LEU B 129 22.08 -13.80 2.65
C LEU B 129 22.12 -12.97 3.94
N ASN B 130 21.10 -13.16 4.77
CA ASN B 130 21.07 -12.55 6.08
C ASN B 130 21.54 -11.10 5.89
N ILE B 131 20.87 -10.39 4.98
CA ILE B 131 21.16 -8.99 4.71
C ILE B 131 19.97 -8.16 5.15
N PRO B 132 20.19 -7.13 6.01
CA PRO B 132 19.06 -6.28 6.51
C PRO B 132 18.15 -5.72 5.39
N THR B 133 16.83 -5.76 5.60
CA THR B 133 15.82 -5.38 4.63
C THR B 133 14.86 -4.30 5.12
N ILE B 134 14.44 -3.48 4.17
CA ILE B 134 13.39 -2.50 4.41
C ILE B 134 12.32 -2.63 3.33
N LEU B 135 11.05 -2.72 3.70
CA LEU B 135 10.03 -2.48 2.65
C LEU B 135 9.50 -1.05 2.78
N ASP B 136 9.61 -0.34 1.67
CA ASP B 136 9.16 1.04 1.61
C ASP B 136 7.79 0.96 0.93
N MET B 137 6.78 1.08 1.80
CA MET B 137 5.37 0.94 1.45
C MET B 137 4.54 2.06 2.08
N LYS B 138 5.05 2.82 3.07
CA LYS B 138 4.22 3.94 3.64
C LYS B 138 2.80 3.48 4.01
N ILE B 139 2.75 2.35 4.70
CA ILE B 139 1.47 1.72 5.05
C ILE B 139 0.76 2.67 6.01
N ASN B 140 -0.56 2.66 5.99
CA ASN B 140 -1.34 3.34 7.01
C ASN B 140 -2.78 2.80 6.88
N ASP B 141 -3.43 2.53 8.00
CA ASP B 141 -4.85 2.20 8.06
C ASP B 141 -5.24 2.06 9.51
N ILE B 142 -6.53 1.79 9.80
CA ILE B 142 -7.01 1.38 11.16
C ILE B 142 -6.36 0.03 11.66
N GLY B 143 -6.44 -0.25 12.96
CA GLY B 143 -5.75 -1.43 13.55
C GLY B 143 -6.18 -2.81 13.08
N ASN B 144 -7.43 -3.20 13.23
CA ASN B 144 -7.83 -4.52 12.66
C ASN B 144 -7.26 -4.66 11.22
N THR B 145 -7.25 -3.54 10.50
CA THR B 145 -6.83 -3.58 9.09
C THR B 145 -5.33 -3.60 8.91
N VAL B 146 -4.64 -2.72 9.62
CA VAL B 146 -3.20 -2.60 9.39
C VAL B 146 -2.45 -3.90 9.76
N LYS B 147 -3.07 -4.74 10.60
CA LYS B 147 -2.39 -6.01 10.96
C LYS B 147 -2.20 -6.89 9.71
N ASN B 148 -3.05 -6.73 8.73
CA ASN B 148 -2.79 -7.36 7.43
C ASN B 148 -1.45 -6.97 6.84
N TYR B 149 -1.05 -5.69 6.97
CA TYR B 149 0.30 -5.26 6.49
C TYR B 149 1.39 -5.82 7.31
N ARG B 150 1.13 -5.89 8.61
CA ARG B 150 2.08 -6.59 9.43
C ARG B 150 2.23 -8.09 9.06
N LYS B 151 1.14 -8.84 8.92
CA LYS B 151 1.23 -10.22 8.37
C LYS B 151 2.03 -10.25 7.02
N PHE B 152 1.66 -9.37 6.09
CA PHE B 152 2.40 -9.27 4.84
C PHE B 152 3.90 -9.05 4.99
N ILE B 153 4.26 -8.01 5.74
CA ILE B 153 5.64 -7.52 5.77
C ILE B 153 6.62 -8.38 6.60
N PHE B 154 6.19 -8.84 7.77
CA PHE B 154 7.13 -9.43 8.75
C PHE B 154 7.00 -10.94 8.91
N GLU B 155 5.87 -11.48 8.49
CA GLU B 155 5.66 -12.89 8.57
C GLU B 155 5.86 -13.54 7.17
N TYR B 156 5.31 -12.94 6.13
CA TYR B 156 5.36 -13.50 4.80
C TYR B 156 6.62 -13.10 4.05
N LEU B 157 6.95 -11.82 4.01
CA LEU B 157 8.22 -11.41 3.35
C LEU B 157 9.35 -11.64 4.30
N LYS B 158 9.00 -11.76 5.58
CA LYS B 158 9.97 -11.86 6.69
C LYS B 158 10.89 -10.65 6.70
N SER B 159 10.38 -9.47 6.32
CA SER B 159 11.22 -8.23 6.27
C SER B 159 11.66 -7.86 7.66
N ASP B 160 12.70 -7.03 7.75
CA ASP B 160 13.21 -6.55 9.02
C ASP B 160 12.62 -5.18 9.38
N SER B 161 12.16 -4.41 8.39
CA SER B 161 11.42 -3.17 8.68
C SER B 161 10.54 -2.70 7.51
N CYS B 162 9.88 -1.56 7.69
CA CYS B 162 8.99 -1.04 6.72
C CYS B 162 8.89 0.45 6.97
N THR B 163 8.47 1.23 5.97
CA THR B 163 8.09 2.64 6.15
C THR B 163 6.62 2.76 6.47
N VAL B 164 6.28 3.70 7.32
CA VAL B 164 4.90 3.87 7.74
C VAL B 164 4.52 5.34 7.63
N ASN B 165 3.28 5.62 7.23
CA ASN B 165 2.76 7.01 7.27
C ASN B 165 1.80 7.23 8.46
N ILE B 166 2.17 8.05 9.48
CA ILE B 166 1.42 8.10 10.73
C ILE B 166 0.40 9.22 10.83
N TYR B 167 0.15 9.90 9.70
CA TYR B 167 -0.89 10.89 9.68
C TYR B 167 -2.27 10.42 10.22
N MET B 168 -2.63 9.12 10.13
CA MET B 168 -3.94 8.73 10.65
C MET B 168 -3.88 8.64 12.18
N GLY B 169 -2.69 8.51 12.73
CA GLY B 169 -2.61 8.36 14.16
C GLY B 169 -1.44 7.54 14.54
N THR B 170 -0.86 7.91 15.68
CA THR B 170 0.37 7.26 16.12
C THR B 170 0.01 5.87 16.60
N ASN B 171 -1.27 5.64 16.91
CA ASN B 171 -1.60 4.34 17.50
C ASN B 171 -1.46 3.10 16.58
N MET B 172 -1.66 3.28 15.25
CA MET B 172 -1.52 2.21 14.26
C MET B 172 -0.23 1.37 14.42
N LEU B 173 0.83 2.05 14.85
CA LEU B 173 2.13 1.47 15.11
C LEU B 173 2.15 0.33 16.15
N LYS B 174 1.04 0.13 16.88
CA LYS B 174 0.82 -0.96 17.81
C LYS B 174 0.54 -2.27 17.12
N ASP B 175 -0.21 -2.20 16.02
CA ASP B 175 -0.48 -3.40 15.23
C ASP B 175 0.44 -3.48 14.04
N ILE B 176 1.58 -2.79 14.11
CA ILE B 176 2.59 -2.89 13.07
C ILE B 176 3.86 -3.42 13.69
N CYS B 177 4.21 -2.83 14.83
CA CYS B 177 5.48 -3.14 15.50
C CYS B 177 5.44 -4.26 16.55
N TYR B 178 4.26 -4.84 16.81
CA TYR B 178 4.09 -5.92 17.85
C TYR B 178 3.00 -6.93 17.46
N ASP B 179 3.28 -8.21 17.59
CA ASP B 179 2.22 -9.23 17.50
C ASP B 179 2.05 -9.90 18.88
N GLU B 180 0.85 -9.91 19.45
CA GLU B 180 0.69 -10.54 20.77
C GLU B 180 0.53 -12.03 20.68
N GLU B 181 -0.24 -12.47 19.67
CA GLU B 181 -0.53 -13.90 19.54
C GLU B 181 0.78 -14.63 19.23
N LYS B 182 1.73 -13.88 18.65
CA LYS B 182 3.08 -14.37 18.46
C LYS B 182 4.04 -13.96 19.58
N ASN B 183 3.78 -12.83 20.24
CA ASN B 183 4.72 -12.24 21.21
C ASN B 183 6.06 -11.80 20.58
N LYS B 184 6.02 -11.55 19.27
CA LYS B 184 7.16 -11.01 18.50
C LYS B 184 7.03 -9.50 18.40
N TYR B 185 8.14 -8.79 18.19
CA TYR B 185 8.17 -7.33 17.97
C TYR B 185 8.96 -6.97 16.68
N TYR B 186 8.71 -5.79 16.08
CA TYR B 186 9.34 -5.39 14.76
C TYR B 186 9.67 -3.90 14.62
N SER B 187 10.59 -3.55 13.72
CA SER B 187 11.03 -2.14 13.55
C SER B 187 10.40 -1.34 12.40
N ALA B 188 10.45 0.01 12.49
CA ALA B 188 9.82 0.83 11.43
C ALA B 188 10.41 2.23 11.31
N PHE B 189 10.24 2.86 10.15
CA PHE B 189 10.73 4.21 9.85
C PHE B 189 9.49 5.04 9.45
N VAL B 190 9.19 6.13 10.16
CA VAL B 190 7.93 6.87 9.92
C VAL B 190 8.34 8.03 9.09
N LEU B 191 7.40 8.54 8.31
CA LEU B 191 7.70 9.62 7.37
C LEU B 191 7.78 10.94 8.16
N VAL B 192 8.94 11.60 8.11
CA VAL B 192 9.13 12.87 8.84
C VAL B 192 9.27 13.98 7.81
N LYS B 193 10.30 13.90 6.99
CA LYS B 193 10.36 14.75 5.82
C LYS B 193 10.68 13.88 4.62
N THR B 194 9.84 13.98 3.59
CA THR B 194 10.09 13.33 2.33
C THR B 194 10.64 14.31 1.30
N THR B 195 11.23 13.74 0.27
CA THR B 195 12.00 14.46 -0.73
C THR B 195 11.17 15.04 -1.91
N ASN B 196 9.86 14.92 -1.89
CA ASN B 196 9.06 15.46 -3.03
C ASN B 196 9.17 16.97 -2.97
N PRO B 197 9.15 17.61 -4.14
CA PRO B 197 9.42 19.07 -4.08
C PRO B 197 8.39 19.88 -3.27
N ASP B 198 7.14 19.42 -3.15
CA ASP B 198 6.16 20.19 -2.31
C ASP B 198 5.99 19.72 -0.88
N SER B 199 6.93 18.91 -0.38
CA SER B 199 6.74 18.28 0.93
C SER B 199 6.55 19.27 2.12
N ALA B 200 7.08 20.48 1.97
CA ALA B 200 6.91 21.52 2.98
C ALA B 200 5.45 21.73 3.34
N ILE B 201 4.57 21.66 2.35
CA ILE B 201 3.15 22.04 2.52
C ILE B 201 2.41 21.52 3.75
N PHE B 202 2.75 20.32 4.21
CA PHE B 202 2.12 19.79 5.42
C PHE B 202 3.10 19.50 6.54
N GLN B 203 4.31 19.13 6.20
CA GLN B 203 5.24 18.70 7.24
C GLN B 203 5.89 19.95 7.83
N LYS B 204 5.55 21.10 7.25
CA LYS B 204 6.12 22.40 7.61
C LYS B 204 5.07 23.50 7.84
N ASN B 205 4.23 23.84 6.88
CA ASN B 205 3.21 24.87 7.09
C ASN B 205 2.18 24.51 8.20
N LEU B 206 2.26 23.30 8.73
CA LEU B 206 1.36 22.85 9.78
C LEU B 206 2.16 22.76 11.08
N SER B 207 1.54 23.21 12.20
CA SER B 207 2.19 23.31 13.52
C SER B 207 1.19 23.20 14.70
N LEU B 208 1.67 22.81 15.88
CA LEU B 208 0.84 22.68 17.08
C LEU B 208 1.07 23.81 18.06
N ASP B 209 2.30 24.31 18.16
CA ASP B 209 2.55 25.43 19.11
C ASP B 209 3.84 26.07 18.68
N ASN B 210 3.85 26.59 17.45
CA ASN B 210 5.08 27.09 16.88
C ASN B 210 6.06 25.95 16.64
N LYS B 211 5.58 24.71 16.67
CA LYS B 211 6.42 23.60 16.24
C LYS B 211 5.89 23.11 14.91
N GLN B 212 6.80 22.82 13.98
CA GLN B 212 6.38 22.28 12.72
C GLN B 212 5.94 20.81 12.88
N ALA B 213 4.91 20.44 12.11
CA ALA B 213 4.34 19.10 12.03
C ALA B 213 5.34 17.95 12.06
N TYR B 214 6.44 18.07 11.32
CA TYR B 214 7.44 16.99 11.31
C TYR B 214 8.09 16.70 12.68
N VAL B 215 8.37 17.74 13.45
CA VAL B 215 8.84 17.61 14.83
C VAL B 215 7.81 16.91 15.72
N ILE B 216 6.57 17.39 15.65
CA ILE B 216 5.49 16.81 16.44
C ILE B 216 5.38 15.36 16.09
N MET B 217 5.35 15.08 14.78
CA MET B 217 5.21 13.73 14.32
C MET B 217 6.38 12.89 14.75
N ALA B 218 7.60 13.44 14.59
CA ALA B 218 8.83 12.80 15.03
C ALA B 218 8.72 12.55 16.53
N GLN B 219 8.37 13.58 17.27
CA GLN B 219 8.24 13.45 18.71
C GLN B 219 7.20 12.37 19.04
N GLU B 220 6.10 12.33 18.27
CA GLU B 220 5.04 11.37 18.54
C GLU B 220 5.54 9.94 18.33
N ALA B 221 6.10 9.70 17.15
CA ALA B 221 6.65 8.41 16.79
C ALA B 221 7.53 7.86 17.90
N LEU B 222 8.53 8.65 18.30
CA LEU B 222 9.53 8.17 19.24
C LEU B 222 8.96 7.95 20.65
N ASN B 223 7.87 8.66 21.02
CA ASN B 223 7.17 8.39 22.29
C ASN B 223 6.34 7.12 22.23
N MET B 224 5.98 6.69 21.00
CA MET B 224 5.26 5.44 20.81
C MET B 224 6.19 4.23 20.88
N SER B 225 7.42 4.40 20.37
CA SER B 225 8.41 3.32 20.49
C SER B 225 8.75 3.07 21.96
N SER B 226 8.92 4.14 22.74
CA SER B 226 9.14 4.07 24.20
C SER B 226 7.96 3.43 24.90
N TYR B 227 6.79 3.65 24.35
CA TYR B 227 5.57 3.09 24.92
C TYR B 227 5.48 1.58 24.66
N LEU B 228 5.96 1.16 23.50
CA LEU B 228 6.10 -0.26 23.21
C LEU B 228 7.46 -0.66 23.80
N ASN B 229 7.80 -1.94 23.78
CA ASN B 229 9.00 -2.29 24.53
C ASN B 229 10.16 -2.63 23.59
N LEU B 230 10.23 -1.86 22.49
CA LEU B 230 11.03 -2.19 21.31
C LEU B 230 12.55 -2.07 21.45
N GLU B 231 13.06 -0.91 21.89
CA GLU B 231 14.49 -0.75 22.24
C GLU B 231 14.99 -1.96 23.04
N GLN B 232 14.27 -2.23 24.13
CA GLN B 232 14.47 -3.39 25.00
C GLN B 232 14.45 -4.72 24.24
N ASN B 233 13.46 -4.88 23.37
CA ASN B 233 13.38 -6.09 22.53
C ASN B 233 14.19 -6.02 21.24
N ASN B 234 15.20 -5.15 21.20
CA ASN B 234 16.08 -5.07 20.04
C ASN B 234 15.39 -4.74 18.71
N GLU B 235 14.41 -3.86 18.74
CA GLU B 235 13.80 -3.29 17.53
C GLU B 235 13.68 -1.77 17.77
N PHE B 236 13.34 -1.01 16.73
CA PHE B 236 13.19 0.47 16.86
C PHE B 236 12.05 1.13 16.03
N ILE B 237 11.63 2.34 16.39
CA ILE B 237 10.93 3.20 15.45
C ILE B 237 11.85 4.36 15.11
N GLY B 238 12.12 4.48 13.80
CA GLY B 238 13.09 5.44 13.27
C GLY B 238 12.46 6.43 12.32
N PHE B 239 13.28 7.28 11.68
CA PHE B 239 12.71 8.35 10.85
C PHE B 239 13.22 8.36 9.41
N VAL B 240 12.28 8.58 8.51
CA VAL B 240 12.59 9.00 7.13
C VAL B 240 12.70 10.52 7.03
N VAL B 241 13.93 10.99 6.75
CA VAL B 241 14.21 12.41 6.51
C VAL B 241 15.00 12.47 5.21
N GLY B 242 14.41 13.15 4.24
CA GLY B 242 15.04 13.37 2.95
C GLY B 242 16.38 14.07 2.94
N ALA B 243 17.25 13.62 2.03
CA ALA B 243 18.62 14.12 1.92
C ALA B 243 18.74 15.60 1.60
N ASN B 244 17.69 16.16 0.99
CA ASN B 244 17.70 17.58 0.65
C ASN B 244 17.24 18.54 1.74
N SER B 245 16.76 18.00 2.86
CA SER B 245 16.29 18.84 3.96
C SER B 245 17.34 18.85 5.06
N TYR B 246 18.32 19.76 4.91
CA TYR B 246 19.53 19.76 5.74
C TYR B 246 19.29 20.27 7.13
N ASP B 247 18.57 21.40 7.22
CA ASP B 247 18.30 22.04 8.50
C ASP B 247 17.61 21.04 9.40
N GLU B 248 16.57 20.44 8.84
CA GLU B 248 15.75 19.44 9.51
C GLU B 248 16.56 18.21 9.95
N MET B 249 17.54 17.81 9.14
CA MET B 249 18.42 16.72 9.51
C MET B 249 19.20 17.09 10.76
N ASN B 250 19.77 18.30 10.78
CA ASN B 250 20.50 18.75 11.97
C ASN B 250 19.61 18.95 13.18
N TYR B 251 18.34 19.24 12.94
CA TYR B 251 17.38 19.35 14.03
C TYR B 251 17.19 17.99 14.68
N ILE B 252 16.74 17.02 13.87
CA ILE B 252 16.41 15.67 14.31
C ILE B 252 17.59 14.99 15.02
N ARG B 253 18.80 15.09 14.45
CA ARG B 253 20.01 14.44 14.99
C ARG B 253 20.44 14.94 16.40
N THR B 254 20.22 16.23 16.67
CA THR B 254 20.61 16.84 17.94
C THR B 254 19.51 16.64 19.02
N TYR B 255 18.28 17.03 18.68
CA TYR B 255 17.13 16.91 19.59
C TYR B 255 16.59 15.47 19.69
N PHE B 256 17.06 14.59 18.81
CA PHE B 256 16.86 13.15 18.95
C PHE B 256 18.20 12.43 18.72
N PRO B 257 19.11 12.45 19.72
CA PRO B 257 20.31 11.62 19.60
C PRO B 257 19.88 10.16 19.56
N ASN B 258 20.79 9.25 19.25
CA ASN B 258 20.51 7.81 19.24
C ASN B 258 19.39 7.26 18.30
N CYS B 259 18.60 8.12 17.67
CA CYS B 259 17.54 7.63 16.75
C CYS B 259 18.11 7.00 15.48
N TYR B 260 17.30 6.16 14.82
CA TYR B 260 17.71 5.54 13.56
C TYR B 260 17.11 6.36 12.45
N ILE B 261 17.93 6.70 11.47
CA ILE B 261 17.39 7.53 10.39
C ILE B 261 17.57 6.80 9.08
N LEU B 262 16.59 6.97 8.21
CA LEU B 262 16.63 6.47 6.84
C LEU B 262 16.43 7.62 5.86
N SER B 263 17.47 7.89 5.07
CA SER B 263 17.61 9.09 4.27
C SER B 263 17.62 8.82 2.77
N PRO B 264 16.49 9.10 2.08
CA PRO B 264 16.41 9.02 0.60
C PRO B 264 16.70 10.38 -0.06
N GLY B 265 17.21 10.37 -1.29
CA GLY B 265 17.38 11.63 -2.02
C GLY B 265 18.69 11.88 -2.73
N ILE B 266 19.69 11.05 -2.44
CA ILE B 266 21.03 11.16 -3.04
C ILE B 266 21.11 10.41 -4.38
N GLY B 267 21.46 11.12 -5.45
CA GLY B 267 21.60 10.51 -6.79
C GLY B 267 20.63 11.10 -7.81
N ALA B 268 19.49 10.46 -7.97
CA ALA B 268 18.48 10.96 -8.91
C ALA B 268 17.73 12.21 -8.40
N GLN B 269 17.88 12.52 -7.11
CA GLN B 269 17.61 13.89 -6.61
C GLN B 269 18.93 14.64 -6.47
N ASN B 270 19.96 13.85 -6.20
CA ASN B 270 21.18 14.27 -5.52
C ASN B 270 21.01 15.46 -4.55
N GLY B 271 21.50 16.65 -4.91
CA GLY B 271 21.79 17.66 -3.90
C GLY B 271 23.14 17.27 -3.28
N ASP B 272 23.40 17.76 -2.08
CA ASP B 272 24.68 17.54 -1.40
C ASP B 272 24.66 16.34 -0.46
N LEU B 273 25.32 15.27 -0.85
CA LEU B 273 25.46 14.09 -0.02
C LEU B 273 26.27 14.42 1.21
N HIS B 274 27.34 15.18 1.00
CA HIS B 274 28.28 15.51 2.04
C HIS B 274 27.96 16.81 2.70
N LYS B 275 26.66 17.11 2.84
CA LYS B 275 26.24 18.24 3.64
C LYS B 275 25.98 17.78 5.08
N THR B 276 25.26 18.58 5.87
CA THR B 276 24.99 18.32 7.31
C THR B 276 24.03 17.14 7.54
N LEU B 277 23.92 16.32 6.49
CA LEU B 277 22.97 15.21 6.34
C LEU B 277 23.62 13.83 6.54
N THR B 278 24.74 13.55 5.86
CA THR B 278 25.52 12.35 6.23
C THR B 278 26.43 12.69 7.42
N ASN B 279 27.11 13.83 7.35
CA ASN B 279 27.90 14.28 8.50
C ASN B 279 27.04 15.05 9.51
N GLY B 280 27.49 15.01 10.77
CA GLY B 280 26.68 15.40 11.92
C GLY B 280 26.22 14.14 12.66
N TYR B 281 26.35 13.00 11.97
CA TYR B 281 25.98 11.67 12.44
C TYR B 281 27.20 10.79 12.49
N HIS B 282 27.19 9.81 13.38
CA HIS B 282 28.39 9.01 13.58
C HIS B 282 28.12 7.68 14.33
N LYS B 283 28.81 7.49 15.45
CA LYS B 283 28.89 6.20 16.17
C LYS B 283 27.59 5.39 16.12
N SER B 284 27.74 4.12 15.75
CA SER B 284 26.65 3.26 15.32
C SER B 284 25.99 3.95 14.12
N TYR B 285 26.80 4.13 13.06
CA TYR B 285 26.32 4.81 11.85
C TYR B 285 25.23 4.08 11.04
N GLU B 286 24.86 2.87 11.49
CA GLU B 286 23.65 2.22 11.02
C GLU B 286 22.45 3.09 11.31
N LYS B 287 22.63 4.07 12.21
CA LYS B 287 21.55 5.00 12.59
C LYS B 287 21.33 6.10 11.56
N ILE B 288 22.10 6.08 10.47
CA ILE B 288 21.83 6.99 9.37
C ILE B 288 22.10 6.31 8.00
N LEU B 289 21.05 5.65 7.51
CA LEU B 289 21.07 4.94 6.27
C LEU B 289 20.88 5.90 5.11
N ILE B 290 21.83 5.89 4.19
CA ILE B 290 21.78 6.77 3.02
C ILE B 290 21.23 5.94 1.89
N ASN B 291 19.97 6.14 1.53
CA ASN B 291 19.42 5.37 0.43
C ASN B 291 19.85 5.87 -0.95
N ILE B 292 20.37 4.94 -1.77
CA ILE B 292 20.61 5.17 -3.18
C ILE B 292 20.08 4.03 -4.05
N GLY B 293 19.10 4.34 -4.90
CA GLY B 293 18.53 3.33 -5.74
C GLY B 293 18.99 3.42 -7.17
N ARG B 294 18.38 4.34 -7.90
CA ARG B 294 18.51 4.39 -9.33
C ARG B 294 19.93 4.77 -9.82
N ALA B 295 20.67 5.48 -8.98
CA ALA B 295 22.08 5.79 -9.29
C ALA B 295 22.96 4.53 -9.34
N ILE B 296 22.46 3.45 -8.75
CA ILE B 296 23.07 2.15 -8.85
C ILE B 296 22.32 1.31 -9.89
N THR B 297 21.00 1.17 -9.72
CA THR B 297 20.22 0.20 -10.51
C THR B 297 20.10 0.59 -12.02
N LYS B 298 20.15 1.88 -12.34
CA LYS B 298 20.07 2.32 -13.75
C LYS B 298 21.45 2.59 -14.38
N ASN B 299 22.49 2.42 -13.56
CA ASN B 299 23.89 2.53 -14.00
C ASN B 299 24.32 1.26 -14.73
N PRO B 300 24.92 1.44 -15.94
CA PRO B 300 25.31 0.30 -16.78
C PRO B 300 26.25 -0.66 -16.07
N TYR B 301 26.96 -0.17 -15.04
CA TYR B 301 27.78 -1.04 -14.18
C TYR B 301 27.42 -0.84 -12.71
N PRO B 302 26.33 -1.51 -12.25
CA PRO B 302 25.81 -1.37 -10.89
C PRO B 302 26.85 -1.67 -9.80
N GLN B 303 27.78 -2.58 -10.11
CA GLN B 303 28.85 -2.88 -9.18
C GLN B 303 29.75 -1.68 -8.92
N LYS B 304 30.30 -1.13 -10.02
CA LYS B 304 31.02 0.16 -10.05
C LYS B 304 30.31 1.23 -9.25
N ALA B 305 29.03 1.46 -9.57
CA ALA B 305 28.28 2.55 -8.95
C ALA B 305 28.17 2.33 -7.45
N ALA B 306 27.98 1.09 -7.05
CA ALA B 306 27.87 0.73 -5.65
C ALA B 306 29.14 1.02 -4.88
N GLN B 307 30.27 0.69 -5.47
CA GLN B 307 31.56 1.00 -4.86
C GLN B 307 31.84 2.51 -4.78
N MET B 308 31.54 3.21 -5.87
CA MET B 308 31.62 4.66 -5.90
C MET B 308 30.98 5.29 -4.65
N TYR B 309 29.75 4.86 -4.34
CA TYR B 309 29.03 5.42 -3.21
C TYR B 309 29.51 4.85 -1.88
N TYR B 310 29.82 3.56 -1.86
CA TYR B 310 30.43 2.95 -0.69
C TYR B 310 31.73 3.69 -0.24
N ASP B 311 32.55 4.14 -1.20
CA ASP B 311 33.79 4.90 -0.88
C ASP B 311 33.62 6.35 -0.52
N GLN B 312 32.68 7.05 -1.17
CA GLN B 312 32.35 8.44 -0.84
C GLN B 312 31.82 8.49 0.56
N ILE B 313 30.85 7.63 0.84
CA ILE B 313 30.33 7.44 2.16
C ILE B 313 31.45 7.08 3.12
N ASN B 314 32.22 6.04 2.79
CA ASN B 314 33.40 5.66 3.61
C ASN B 314 34.57 6.69 3.63
N ALA B 315 34.38 7.86 3.03
CA ALA B 315 35.37 8.92 3.15
C ALA B 315 34.81 9.94 4.11
N ILE B 316 33.56 10.32 3.90
CA ILE B 316 32.93 11.36 4.71
C ILE B 316 32.67 10.87 6.14
N LEU B 317 32.66 9.56 6.34
CA LEU B 317 32.63 8.99 7.68
C LEU B 317 33.98 9.20 8.35
N LYS B 318 34.18 10.41 8.90
CA LYS B 318 35.41 10.80 9.62
C LYS B 318 35.18 12.00 10.56
#